data_6TSG
#
_entry.id   6TSG
#
_cell.length_a   61.678
_cell.length_b   61.678
_cell.length_c   166.487
_cell.angle_alpha   90.000
_cell.angle_beta   90.000
_cell.angle_gamma   90.000
#
_symmetry.space_group_name_H-M   'P 41 21 2'
#
loop_
_entity.id
_entity.type
_entity.pdbx_description
1 polymer 'Peroxisome proliferator-activated receptor gamma'
2 non-polymer "3,3',5,5'-TETRAIODOTHYROACETIC ACID"
3 water water
#
_entity_poly.entity_id   1
_entity_poly.type   'polypeptide(L)'
_entity_poly.pdbx_seq_one_letter_code
;SMQLNPESADLRALAKHLYDSYIKSFPLTKAKARAILTGKTTDKSPFVIYDMNSLMMGEDKIKFKHITPLQEQSKEVAIR
IFQGCQFRSVEAVQEITEYAKSIPGFVNLDLNDQVTLLKYGVHEIIYTMLASLMNKDGVLISEGQGFMTREFLKSLRKPF
GDFMEPKFEFAVKFNALELDDSDLAIFIAVIILSGDRPGLLNVKPIEDIQDNLLQALELQLKLNHPESSQLFAKLLQKMT
DLRQIVTEHVQLLQVIKKTETDMSLHPLLQEIYKDLY
;
_entity_poly.pdbx_strand_id   A
#
loop_
_chem_comp.id
_chem_comp.type
_chem_comp.name
_chem_comp.formula
T4A non-polymer '3,3',5,5'-TETRAIODOTHYROACETIC ACID' 'C14 H8 I4 O4'
#
# COMPACT_ATOMS: atom_id res chain seq x y z
N GLN A 3 -22.63 21.23 -7.47
CA GLN A 3 -24.12 20.88 -7.48
C GLN A 3 -24.30 19.36 -7.33
N LEU A 4 -25.41 18.94 -6.70
CA LEU A 4 -25.78 17.52 -6.44
C LEU A 4 -26.68 17.01 -7.57
N ASN A 5 -26.09 16.91 -8.75
CA ASN A 5 -26.74 16.41 -9.98
C ASN A 5 -26.73 14.89 -9.95
N PRO A 6 -27.33 14.25 -10.97
CA PRO A 6 -27.24 12.80 -11.10
C PRO A 6 -25.80 12.29 -11.23
N GLU A 7 -24.93 13.06 -11.90
CA GLU A 7 -23.57 12.64 -12.29
C GLU A 7 -22.74 12.51 -11.02
N SER A 8 -22.78 13.53 -10.13
CA SER A 8 -22.10 13.52 -8.81
C SER A 8 -22.68 12.41 -7.89
N ALA A 9 -24.00 12.37 -7.68
CA ALA A 9 -24.68 11.23 -7.00
C ALA A 9 -24.01 9.89 -7.41
N ASP A 10 -23.92 9.62 -8.70
CA ASP A 10 -23.34 8.37 -9.24
C ASP A 10 -21.91 8.24 -8.74
N LEU A 11 -21.18 9.37 -8.69
CA LEU A 11 -19.74 9.40 -8.25
C LEU A 11 -19.65 8.98 -6.78
N ARG A 12 -20.51 9.55 -5.94
CA ARG A 12 -20.61 9.28 -4.49
C ARG A 12 -20.95 7.80 -4.27
N ALA A 13 -21.92 7.26 -4.99
CA ALA A 13 -22.20 5.81 -5.10
C ALA A 13 -20.93 5.02 -5.38
N LEU A 14 -20.11 5.52 -6.30
CA LEU A 14 -18.86 4.85 -6.68
C LEU A 14 -17.88 4.92 -5.51
N ALA A 15 -17.84 6.04 -4.79
CA ALA A 15 -17.02 6.22 -3.58
C ALA A 15 -17.43 5.17 -2.53
N LYS A 16 -18.72 5.04 -2.30
CA LYS A 16 -19.30 4.16 -1.24
C LYS A 16 -19.02 2.70 -1.60
N HIS A 17 -19.38 2.26 -2.81
CA HIS A 17 -19.13 0.86 -3.29
C HIS A 17 -17.66 0.49 -3.03
N LEU A 18 -16.76 1.35 -3.48
CA LEU A 18 -15.31 1.18 -3.37
C LEU A 18 -14.92 1.07 -1.89
N TYR A 19 -15.43 1.96 -1.06
CA TYR A 19 -15.13 1.94 0.39
C TYR A 19 -15.59 0.60 0.96
N ASP A 20 -16.83 0.22 0.68
CA ASP A 20 -17.46 -1.01 1.28
C ASP A 20 -16.60 -2.22 0.90
N SER A 21 -16.14 -2.29 -0.37
CA SER A 21 -15.31 -3.38 -0.94
C SER A 21 -13.95 -3.40 -0.26
N TYR A 22 -13.38 -2.21 -0.02
CA TYR A 22 -12.06 -1.99 0.64
C TYR A 22 -12.10 -2.57 2.04
N ILE A 23 -13.19 -2.28 2.78
CA ILE A 23 -13.39 -2.75 4.16
C ILE A 23 -13.43 -4.29 4.15
N LYS A 24 -14.10 -4.88 3.16
CA LYS A 24 -14.32 -6.35 3.04
C LYS A 24 -13.00 -7.02 2.65
N SER A 25 -12.12 -6.34 1.88
CA SER A 25 -10.88 -6.96 1.33
C SER A 25 -9.69 -6.68 2.25
N PHE A 26 -9.76 -5.61 3.05
CA PHE A 26 -8.63 -5.08 3.83
C PHE A 26 -8.96 -5.13 5.30
N PRO A 27 -8.42 -6.13 6.03
CA PRO A 27 -8.80 -6.37 7.42
C PRO A 27 -8.39 -5.23 8.35
N LEU A 28 -7.09 -4.87 8.33
CA LEU A 28 -6.53 -3.76 9.13
C LEU A 28 -6.65 -2.46 8.35
N THR A 29 -7.78 -1.77 8.50
CA THR A 29 -8.03 -0.42 7.96
C THR A 29 -7.19 0.59 8.72
N LYS A 30 -7.03 1.79 8.14
CA LYS A 30 -6.22 2.84 8.70
C LYS A 30 -6.86 3.28 10.02
N ALA A 31 -8.19 3.32 10.06
CA ALA A 31 -8.95 3.78 11.24
C ALA A 31 -8.54 2.91 12.43
N LYS A 32 -8.59 1.59 12.25
CA LYS A 32 -8.19 0.61 13.30
C LYS A 32 -6.75 0.86 13.68
N ALA A 33 -5.85 0.88 12.66
CA ALA A 33 -4.40 1.09 12.86
C ALA A 33 -4.18 2.27 13.80
N ARG A 34 -4.71 3.47 13.43
CA ARG A 34 -4.42 4.74 14.15
C ARG A 34 -4.93 4.66 15.61
N ALA A 35 -6.08 4.03 15.82
CA ALA A 35 -6.61 3.72 17.18
C ALA A 35 -5.50 3.06 18.01
N ILE A 36 -4.99 1.93 17.50
CA ILE A 36 -3.92 1.11 18.10
C ILE A 36 -2.72 2.01 18.40
N LEU A 37 -2.33 2.80 17.44
CA LEU A 37 -1.07 3.57 17.43
C LEU A 37 -1.17 4.72 18.44
N THR A 38 -2.39 5.19 18.72
CA THR A 38 -2.63 6.39 19.57
C THR A 38 -3.10 5.96 20.95
N GLY A 39 -3.12 4.66 21.23
CA GLY A 39 -3.59 4.11 22.50
C GLY A 39 -5.09 4.31 22.71
N LYS A 40 -5.81 4.73 21.66
CA LYS A 40 -7.26 5.02 21.69
C LYS A 40 -8.02 3.69 21.78
N THR A 41 -7.53 2.64 21.10
CA THR A 41 -8.06 1.26 21.17
C THR A 41 -8.09 0.80 22.63
N THR A 42 -9.10 0.03 22.99
CA THR A 42 -9.13 -0.80 24.22
C THR A 42 -8.90 -2.27 23.81
N ASP A 43 -8.63 -2.51 22.51
CA ASP A 43 -8.27 -3.85 21.94
C ASP A 43 -6.78 -4.12 22.22
N LYS A 44 -6.43 -5.40 22.38
CA LYS A 44 -5.11 -5.84 22.97
C LYS A 44 -3.95 -5.04 22.38
N SER A 45 -3.09 -4.47 23.24
CA SER A 45 -1.90 -3.69 22.86
C SER A 45 -0.87 -4.59 22.20
N PRO A 46 -0.22 -4.13 21.11
CA PRO A 46 0.76 -4.94 20.43
C PRO A 46 2.14 -4.95 21.09
N PHE A 47 2.89 -6.04 20.91
CA PHE A 47 4.26 -6.24 21.43
C PHE A 47 5.24 -5.40 20.59
N VAL A 48 6.17 -4.73 21.25
CA VAL A 48 7.01 -3.65 20.65
C VAL A 48 8.43 -4.18 20.48
N ILE A 49 8.79 -4.52 19.25
CA ILE A 49 10.15 -4.96 18.88
C ILE A 49 11.01 -3.73 18.60
N TYR A 50 11.88 -3.40 19.56
CA TYR A 50 12.70 -2.17 19.58
C TYR A 50 14.19 -2.51 19.68
N ASP A 51 14.52 -3.79 19.93
CA ASP A 51 15.91 -4.28 20.01
C ASP A 51 15.93 -5.80 19.76
N MET A 52 17.09 -6.40 19.97
CA MET A 52 17.30 -7.86 19.79
C MET A 52 16.45 -8.61 20.81
N ASN A 53 16.57 -8.22 22.06
CA ASN A 53 15.92 -8.87 23.20
C ASN A 53 14.42 -9.02 22.90
N SER A 54 13.73 -7.89 22.76
CA SER A 54 12.26 -7.81 22.62
C SER A 54 11.85 -8.53 21.33
N LEU A 55 12.70 -8.49 20.31
CA LEU A 55 12.48 -9.24 19.05
C LEU A 55 12.32 -10.71 19.37
N MET A 56 13.24 -11.28 20.15
CA MET A 56 13.25 -12.72 20.46
C MET A 56 12.06 -13.09 21.34
N MET A 57 11.76 -12.23 22.33
CA MET A 57 10.60 -12.45 23.24
C MET A 57 9.27 -12.34 22.47
N GLY A 58 9.17 -11.37 21.56
CA GLY A 58 8.05 -11.20 20.63
C GLY A 58 7.87 -12.43 19.75
N GLU A 59 8.97 -13.02 19.30
CA GLU A 59 9.03 -14.12 18.31
C GLU A 59 8.27 -15.29 18.88
N ASP A 60 8.39 -15.50 20.18
CA ASP A 60 7.58 -16.50 20.94
C ASP A 60 6.15 -15.98 21.05
N GLU A 76 19.94 -16.27 10.89
CA GLU A 76 20.25 -14.86 11.20
C GLU A 76 18.92 -14.14 11.39
N VAL A 77 18.95 -12.97 12.02
CA VAL A 77 17.76 -12.14 12.38
C VAL A 77 17.28 -11.42 11.13
N ALA A 78 18.11 -10.53 10.61
CA ALA A 78 17.82 -9.69 9.43
C ALA A 78 17.06 -10.50 8.39
N ILE A 79 17.57 -11.70 8.09
CA ILE A 79 17.06 -12.58 7.00
C ILE A 79 15.67 -13.06 7.37
N ARG A 80 15.50 -13.43 8.63
CA ARG A 80 14.22 -13.92 9.19
C ARG A 80 13.14 -12.88 8.97
N ILE A 81 13.42 -11.65 9.44
CA ILE A 81 12.47 -10.51 9.33
C ILE A 81 12.04 -10.33 7.86
N PHE A 82 13.02 -10.28 6.93
CA PHE A 82 12.76 -10.06 5.49
C PHE A 82 11.88 -11.18 4.95
N GLN A 83 12.17 -12.43 5.33
CA GLN A 83 11.42 -13.62 4.85
C GLN A 83 10.01 -13.61 5.41
N GLY A 84 9.80 -13.13 6.64
CA GLY A 84 8.48 -12.87 7.22
C GLY A 84 7.73 -11.79 6.48
N CYS A 85 8.39 -10.70 6.12
CA CYS A 85 7.80 -9.56 5.37
C CYS A 85 7.33 -9.98 3.96
N GLN A 86 8.03 -10.90 3.31
CA GLN A 86 7.74 -11.37 1.92
C GLN A 86 6.53 -12.31 2.00
N PHE A 87 6.31 -12.91 3.15
CA PHE A 87 5.11 -13.76 3.41
C PHE A 87 3.92 -12.81 3.51
N ARG A 88 4.08 -11.68 4.21
CA ARG A 88 3.03 -10.63 4.25
C ARG A 88 2.93 -9.97 2.87
N SER A 89 4.08 -9.77 2.24
CA SER A 89 4.18 -9.15 0.90
C SER A 89 3.25 -9.89 -0.03
N VAL A 90 2.96 -11.15 0.27
CA VAL A 90 2.19 -12.06 -0.62
C VAL A 90 0.73 -12.10 -0.17
N GLU A 91 0.44 -12.27 1.13
CA GLU A 91 -0.95 -12.19 1.67
C GLU A 91 -1.59 -10.87 1.26
N ALA A 92 -0.81 -9.79 1.28
CA ALA A 92 -1.21 -8.45 0.82
C ALA A 92 -1.70 -8.52 -0.63
N VAL A 93 -0.92 -9.16 -1.51
CA VAL A 93 -1.16 -9.22 -2.96
C VAL A 93 -2.49 -9.92 -3.18
N GLN A 94 -2.82 -10.89 -2.31
CA GLN A 94 -4.15 -11.54 -2.32
C GLN A 94 -5.18 -10.47 -1.99
N GLU A 95 -5.18 -9.97 -0.76
CA GLU A 95 -6.11 -8.89 -0.32
C GLU A 95 -6.41 -7.96 -1.50
N ILE A 96 -5.34 -7.41 -2.07
CA ILE A 96 -5.38 -6.37 -3.11
C ILE A 96 -6.22 -6.89 -4.27
N THR A 97 -5.82 -8.06 -4.81
CA THR A 97 -6.44 -8.73 -5.97
C THR A 97 -7.96 -8.81 -5.80
N GLU A 98 -8.41 -9.34 -4.66
CA GLU A 98 -9.84 -9.37 -4.29
C GLU A 98 -10.43 -7.99 -4.57
N TYR A 99 -9.93 -6.96 -3.88
CA TYR A 99 -10.46 -5.56 -3.97
C TYR A 99 -10.49 -5.08 -5.43
N ALA A 100 -9.38 -5.26 -6.14
CA ALA A 100 -9.22 -4.79 -7.53
C ALA A 100 -10.40 -5.31 -8.35
N LYS A 101 -10.78 -6.57 -8.13
CA LYS A 101 -11.87 -7.25 -8.87
C LYS A 101 -13.20 -6.55 -8.59
N SER A 102 -13.32 -5.87 -7.46
CA SER A 102 -14.54 -5.20 -7.01
C SER A 102 -14.70 -3.87 -7.74
N ILE A 103 -13.64 -3.39 -8.42
CA ILE A 103 -13.66 -2.04 -9.09
C ILE A 103 -14.53 -2.12 -10.33
N PRO A 104 -15.63 -1.33 -10.44
CA PRO A 104 -16.51 -1.37 -11.62
C PRO A 104 -15.79 -1.21 -12.96
N GLY A 105 -15.86 -2.26 -13.79
CA GLY A 105 -15.25 -2.33 -15.11
C GLY A 105 -14.07 -3.29 -15.16
N PHE A 106 -13.49 -3.64 -14.02
CA PHE A 106 -12.12 -4.23 -13.95
C PHE A 106 -12.13 -5.64 -14.52
N VAL A 107 -13.15 -6.42 -14.17
CA VAL A 107 -13.30 -7.85 -14.61
C VAL A 107 -13.69 -7.91 -16.10
N ASN A 108 -14.35 -6.86 -16.60
CA ASN A 108 -14.78 -6.73 -18.01
C ASN A 108 -13.63 -6.23 -18.88
N LEU A 109 -12.41 -6.39 -18.38
CA LEU A 109 -11.19 -6.14 -19.12
C LEU A 109 -10.52 -7.47 -19.46
N ASP A 110 -9.72 -7.47 -20.52
CA ASP A 110 -8.92 -8.64 -20.93
C ASP A 110 -8.11 -9.15 -19.73
N LEU A 111 -8.14 -10.48 -19.49
CA LEU A 111 -7.58 -11.12 -18.29
C LEU A 111 -6.08 -10.84 -18.23
N ASN A 112 -5.47 -10.65 -19.42
CA ASN A 112 -4.02 -10.38 -19.59
C ASN A 112 -3.70 -8.88 -19.41
N ASP A 113 -4.67 -8.00 -19.53
CA ASP A 113 -4.55 -6.61 -19.03
C ASP A 113 -4.64 -6.63 -17.51
N GLN A 114 -5.58 -7.39 -16.96
CA GLN A 114 -5.78 -7.45 -15.47
C GLN A 114 -4.46 -7.87 -14.79
N VAL A 115 -3.87 -8.98 -15.23
CA VAL A 115 -2.64 -9.57 -14.58
C VAL A 115 -1.51 -8.54 -14.63
N THR A 116 -1.50 -7.73 -15.69
CA THR A 116 -0.50 -6.68 -15.96
C THR A 116 -0.65 -5.50 -14.97
N LEU A 117 -1.85 -4.92 -14.92
CA LEU A 117 -2.20 -3.82 -14.01
C LEU A 117 -1.82 -4.20 -12.60
N LEU A 118 -2.04 -5.45 -12.18
CA LEU A 118 -1.79 -5.95 -10.79
C LEU A 118 -0.34 -6.28 -10.62
N LYS A 119 0.33 -6.75 -11.64
CA LYS A 119 1.79 -7.02 -11.58
C LYS A 119 2.54 -5.70 -11.25
N TYR A 120 2.22 -4.64 -11.98
CA TYR A 120 2.92 -3.32 -11.92
C TYR A 120 2.31 -2.44 -10.82
N GLY A 121 1.14 -2.79 -10.35
CA GLY A 121 0.36 -1.99 -9.37
C GLY A 121 0.56 -2.38 -7.93
N VAL A 122 0.67 -3.67 -7.60
CA VAL A 122 0.55 -4.16 -6.20
C VAL A 122 1.47 -3.37 -5.27
N HIS A 123 2.71 -3.19 -5.67
CA HIS A 123 3.78 -2.67 -4.80
C HIS A 123 3.48 -1.22 -4.42
N GLU A 124 3.01 -0.44 -5.38
CA GLU A 124 2.52 0.94 -5.14
C GLU A 124 1.43 0.89 -4.07
N ILE A 125 0.41 0.05 -4.26
CA ILE A 125 -0.69 -0.05 -3.28
C ILE A 125 -0.07 -0.42 -1.93
N ILE A 126 0.80 -1.42 -1.92
CA ILE A 126 1.34 -2.02 -0.66
C ILE A 126 1.93 -0.88 0.17
N TYR A 127 2.78 -0.05 -0.43
CA TYR A 127 3.52 1.02 0.29
C TYR A 127 2.56 2.17 0.67
N THR A 128 1.55 2.40 -0.16
CA THR A 128 0.42 3.32 0.14
C THR A 128 -0.25 2.90 1.43
N MET A 129 -0.57 1.62 1.56
CA MET A 129 -1.35 1.11 2.69
C MET A 129 -0.42 0.87 3.90
N LEU A 130 0.81 0.50 3.66
CA LEU A 130 1.84 0.34 4.73
C LEU A 130 1.85 1.62 5.57
N ALA A 131 1.74 2.77 4.91
CA ALA A 131 1.77 4.12 5.53
C ALA A 131 0.66 4.22 6.59
N SER A 132 -0.46 3.54 6.40
CA SER A 132 -1.61 3.49 7.36
C SER A 132 -1.14 2.91 8.71
N LEU A 133 -0.17 2.01 8.66
CA LEU A 133 0.33 1.23 9.84
C LEU A 133 1.55 1.90 10.44
N MET A 134 2.03 3.00 9.84
CA MET A 134 3.30 3.66 10.21
C MET A 134 3.05 4.96 10.98
N ASN A 135 3.85 5.20 12.01
CA ASN A 135 4.01 6.53 12.60
C ASN A 135 5.50 6.85 12.65
N LYS A 136 5.85 8.00 13.19
CA LYS A 136 7.23 8.47 13.39
C LYS A 136 8.08 7.30 13.91
N ASP A 137 7.50 6.46 14.78
CA ASP A 137 8.26 5.57 15.70
C ASP A 137 8.52 4.19 15.07
N GLY A 138 7.68 3.79 14.13
CA GLY A 138 7.74 2.43 13.55
C GLY A 138 6.45 2.03 12.88
N VAL A 139 6.23 0.74 12.77
CA VAL A 139 5.18 0.12 11.94
C VAL A 139 4.50 -0.99 12.74
N LEU A 140 3.18 -1.06 12.63
CA LEU A 140 2.39 -2.22 13.08
C LEU A 140 2.61 -3.39 12.15
N ILE A 141 2.58 -4.57 12.72
CA ILE A 141 2.81 -5.86 12.04
C ILE A 141 1.87 -6.92 12.61
N SER A 142 1.78 -8.05 11.91
CA SER A 142 0.96 -9.21 12.30
C SER A 142 -0.43 -8.74 12.68
N GLU A 143 -1.01 -7.89 11.84
CA GLU A 143 -2.41 -7.47 11.87
C GLU A 143 -2.73 -6.80 13.18
N GLY A 144 -1.80 -6.02 13.71
CA GLY A 144 -2.00 -5.15 14.86
C GLY A 144 -1.35 -5.71 16.10
N GLN A 145 -0.86 -6.94 16.05
CA GLN A 145 -0.35 -7.64 17.27
C GLN A 145 1.07 -7.21 17.61
N GLY A 146 1.83 -6.68 16.65
CA GLY A 146 3.20 -6.23 16.86
C GLY A 146 3.42 -4.80 16.38
N PHE A 147 4.56 -4.27 16.76
CA PHE A 147 5.08 -2.96 16.30
C PHE A 147 6.59 -3.03 16.29
N MET A 148 7.19 -2.81 15.13
CA MET A 148 8.65 -2.80 14.96
C MET A 148 9.12 -1.37 14.82
N THR A 149 10.11 -0.96 15.60
CA THR A 149 10.59 0.44 15.58
C THR A 149 11.40 0.72 14.31
N ARG A 150 11.30 1.93 13.80
CA ARG A 150 12.02 2.41 12.59
C ARG A 150 13.54 2.33 12.78
N GLU A 151 14.03 2.74 13.95
CA GLU A 151 15.47 2.75 14.27
C GLU A 151 16.00 1.33 14.33
N PHE A 152 15.17 0.38 14.79
CA PHE A 152 15.55 -1.05 14.88
C PHE A 152 15.69 -1.62 13.46
N LEU A 153 14.75 -1.34 12.57
CA LEU A 153 14.76 -1.86 11.18
C LEU A 153 16.02 -1.34 10.48
N LYS A 154 16.50 -0.16 10.89
CA LYS A 154 17.75 0.43 10.40
C LYS A 154 18.92 -0.40 10.91
N SER A 155 18.97 -0.62 12.22
CA SER A 155 20.09 -1.24 12.95
C SER A 155 20.35 -2.64 12.39
N LEU A 156 19.38 -3.21 11.66
CA LEU A 156 19.61 -4.43 10.82
C LEU A 156 20.88 -4.27 9.98
N ARG A 157 21.70 -5.32 9.93
CA ARG A 157 23.00 -5.33 9.20
C ARG A 157 22.78 -5.04 7.72
N LYS A 158 23.72 -4.31 7.12
CA LYS A 158 23.69 -3.93 5.69
C LYS A 158 23.68 -5.22 4.86
N PRO A 159 22.86 -5.31 3.78
CA PRO A 159 22.21 -4.14 3.20
C PRO A 159 20.77 -4.00 3.68
N PHE A 160 20.35 -4.81 4.67
CA PHE A 160 18.96 -4.93 5.13
C PHE A 160 18.57 -3.73 5.98
N GLY A 161 19.55 -2.89 6.31
CA GLY A 161 19.37 -1.74 7.21
C GLY A 161 18.66 -0.58 6.52
N ASP A 162 18.47 -0.66 5.19
CA ASP A 162 18.02 0.51 4.39
C ASP A 162 16.92 0.17 3.37
N PHE A 163 16.10 -0.85 3.60
CA PHE A 163 15.05 -1.30 2.69
C PHE A 163 13.70 -0.70 3.09
N MET A 164 13.49 -0.41 4.36
CA MET A 164 12.26 0.28 4.82
C MET A 164 12.50 1.82 4.88
N GLU A 165 13.65 2.23 5.41
CA GLU A 165 13.94 3.68 5.62
C GLU A 165 13.18 4.51 4.58
N PRO A 166 13.29 4.17 3.27
CA PRO A 166 12.63 4.96 2.22
C PRO A 166 11.12 4.99 2.33
N LYS A 167 10.51 3.93 2.89
CA LYS A 167 9.05 3.80 3.05
C LYS A 167 8.61 4.73 4.18
N PHE A 168 9.36 4.70 5.30
CA PHE A 168 9.16 5.61 6.46
C PHE A 168 9.25 7.05 5.99
N GLU A 169 10.20 7.35 5.08
CA GLU A 169 10.39 8.72 4.53
C GLU A 169 9.14 9.07 3.72
N PHE A 170 8.69 8.15 2.86
CA PHE A 170 7.43 8.28 2.08
C PHE A 170 6.24 8.48 3.04
N ALA A 171 6.14 7.64 4.07
CA ALA A 171 4.98 7.54 5.01
C ALA A 171 4.78 8.84 5.78
N VAL A 172 5.84 9.44 6.28
CA VAL A 172 5.68 10.64 7.16
C VAL A 172 5.08 11.77 6.34
N LYS A 173 5.53 11.95 5.08
CA LYS A 173 4.98 12.97 4.14
C LYS A 173 3.55 12.59 3.75
N PHE A 174 3.33 11.33 3.37
CA PHE A 174 2.02 10.86 2.86
C PHE A 174 0.98 11.01 3.97
N ASN A 175 1.33 10.60 5.18
CA ASN A 175 0.40 10.64 6.34
C ASN A 175 0.04 12.08 6.72
N ALA A 176 0.90 13.02 6.41
CA ALA A 176 0.66 14.47 6.62
C ALA A 176 -0.62 14.90 5.87
N LEU A 177 -0.98 14.21 4.78
CA LEU A 177 -2.17 14.52 3.95
C LEU A 177 -3.46 14.17 4.72
N GLU A 178 -3.35 13.32 5.76
CA GLU A 178 -4.49 12.96 6.65
C GLU A 178 -5.64 12.47 5.78
N LEU A 179 -5.32 11.59 4.83
CA LEU A 179 -6.30 10.73 4.12
C LEU A 179 -6.89 9.71 5.08
N ASP A 180 -8.19 9.48 4.93
CA ASP A 180 -8.94 8.43 5.62
C ASP A 180 -9.15 7.26 4.66
N ASP A 181 -9.71 6.18 5.20
CA ASP A 181 -9.97 4.93 4.45
C ASP A 181 -10.85 5.26 3.23
N SER A 182 -11.88 6.10 3.40
CA SER A 182 -12.80 6.49 2.30
C SER A 182 -12.00 7.08 1.13
N ASP A 183 -11.03 7.93 1.43
CA ASP A 183 -10.15 8.56 0.39
C ASP A 183 -9.31 7.47 -0.24
N LEU A 184 -8.63 6.67 0.60
CA LEU A 184 -7.58 5.71 0.16
C LEU A 184 -8.21 4.64 -0.73
N ALA A 185 -9.45 4.23 -0.41
CA ALA A 185 -10.28 3.35 -1.25
C ALA A 185 -10.15 3.80 -2.70
N ILE A 186 -10.60 5.02 -2.98
CA ILE A 186 -10.75 5.55 -4.35
C ILE A 186 -9.36 5.70 -4.93
N PHE A 187 -8.43 6.19 -4.14
CA PHE A 187 -7.04 6.48 -4.60
C PHE A 187 -6.34 5.19 -5.06
N ILE A 188 -6.41 4.13 -4.25
CA ILE A 188 -5.85 2.79 -4.61
C ILE A 188 -6.43 2.32 -5.94
N ALA A 189 -7.74 2.53 -6.18
CA ALA A 189 -8.40 2.15 -7.46
C ALA A 189 -7.74 2.93 -8.61
N VAL A 190 -7.60 4.24 -8.42
CA VAL A 190 -6.97 5.18 -9.39
C VAL A 190 -5.65 4.59 -9.83
N ILE A 191 -4.85 4.14 -8.89
CA ILE A 191 -3.50 3.57 -9.17
C ILE A 191 -3.64 2.29 -9.99
N ILE A 192 -4.37 1.29 -9.45
CA ILE A 192 -4.56 -0.04 -10.11
C ILE A 192 -4.92 0.16 -11.58
N LEU A 193 -5.85 1.05 -11.89
CA LEU A 193 -6.27 1.41 -13.27
C LEU A 193 -5.31 2.48 -13.81
N SER A 194 -4.00 2.21 -13.79
CA SER A 194 -2.93 3.02 -14.43
C SER A 194 -2.84 2.71 -15.94
N GLY A 195 -2.93 3.76 -16.76
CA GLY A 195 -3.14 3.66 -18.22
C GLY A 195 -1.84 3.72 -19.00
N ASP A 196 -0.74 3.22 -18.41
CA ASP A 196 0.66 3.45 -18.88
C ASP A 196 1.60 2.40 -18.28
N ARG A 197 1.07 1.21 -18.00
CA ARG A 197 1.85 0.03 -17.59
C ARG A 197 2.37 -0.67 -18.85
N PRO A 198 3.65 -1.12 -18.88
CA PRO A 198 4.18 -1.80 -20.07
C PRO A 198 3.36 -3.01 -20.52
N GLY A 199 3.07 -3.12 -21.83
CA GLY A 199 2.37 -4.29 -22.40
C GLY A 199 0.87 -4.31 -22.09
N LEU A 200 0.19 -3.21 -22.39
CA LEU A 200 -1.28 -3.07 -22.23
C LEU A 200 -1.95 -3.08 -23.62
N LEU A 201 -2.79 -4.08 -23.89
CA LEU A 201 -3.58 -4.19 -25.15
C LEU A 201 -4.59 -3.04 -25.18
N ASN A 202 -5.65 -3.14 -24.37
CA ASN A 202 -6.79 -2.20 -24.40
C ASN A 202 -6.52 -1.10 -23.39
N VAL A 203 -5.84 -0.02 -23.81
CA VAL A 203 -5.41 1.11 -22.94
C VAL A 203 -6.59 2.08 -22.80
N LYS A 204 -7.44 2.19 -23.83
CA LYS A 204 -8.54 3.20 -23.90
C LYS A 204 -9.56 2.93 -22.79
N PRO A 205 -10.04 1.65 -22.62
CA PRO A 205 -10.95 1.31 -21.53
C PRO A 205 -10.39 1.63 -20.13
N ILE A 206 -9.13 1.26 -19.87
CA ILE A 206 -8.48 1.43 -18.54
C ILE A 206 -8.50 2.93 -18.20
N GLU A 207 -8.13 3.75 -19.18
CA GLU A 207 -8.05 5.24 -19.05
C GLU A 207 -9.46 5.78 -18.79
N ASP A 208 -10.47 5.19 -19.45
CA ASP A 208 -11.90 5.62 -19.34
C ASP A 208 -12.42 5.36 -17.92
N ILE A 209 -12.09 4.21 -17.34
CA ILE A 209 -12.44 3.90 -15.93
C ILE A 209 -11.68 4.88 -15.03
N GLN A 210 -10.37 5.05 -15.25
CA GLN A 210 -9.52 5.88 -14.36
C GLN A 210 -10.02 7.34 -14.36
N ASP A 211 -10.41 7.87 -15.53
CA ASP A 211 -11.03 9.20 -15.66
C ASP A 211 -12.17 9.28 -14.65
N ASN A 212 -13.00 8.22 -14.63
CA ASN A 212 -14.22 8.13 -13.78
C ASN A 212 -13.79 8.12 -12.29
N LEU A 213 -12.86 7.27 -11.92
CA LEU A 213 -12.28 7.19 -10.56
C LEU A 213 -11.67 8.55 -10.16
N LEU A 214 -10.97 9.17 -11.08
CA LEU A 214 -10.29 10.44 -10.79
C LEU A 214 -11.31 11.53 -10.50
N GLN A 215 -12.47 11.51 -11.19
CA GLN A 215 -13.58 12.45 -10.88
C GLN A 215 -14.07 12.12 -9.48
N ALA A 216 -14.28 10.84 -9.21
CA ALA A 216 -14.80 10.32 -7.91
C ALA A 216 -13.91 10.84 -6.76
N LEU A 217 -12.61 10.61 -6.91
CA LEU A 217 -11.55 11.00 -5.91
C LEU A 217 -11.56 12.49 -5.71
N GLU A 218 -11.63 13.29 -6.77
CA GLU A 218 -11.55 14.76 -6.67
C GLU A 218 -12.73 15.22 -5.83
N LEU A 219 -13.91 14.71 -6.13
CA LEU A 219 -15.17 15.05 -5.42
C LEU A 219 -15.10 14.56 -3.97
N GLN A 220 -14.65 13.33 -3.76
CA GLN A 220 -14.48 12.77 -2.40
C GLN A 220 -13.61 13.75 -1.58
N LEU A 221 -12.50 14.15 -2.15
CA LEU A 221 -11.45 14.95 -1.46
C LEU A 221 -12.02 16.32 -1.15
N LYS A 222 -12.72 16.90 -2.11
CA LYS A 222 -13.34 18.24 -1.93
C LYS A 222 -14.26 18.15 -0.73
N LEU A 223 -15.19 17.19 -0.74
CA LEU A 223 -16.21 17.02 0.32
C LEU A 223 -15.55 16.81 1.67
N ASN A 224 -14.58 15.88 1.71
CA ASN A 224 -14.04 15.26 2.95
C ASN A 224 -12.95 16.14 3.57
N HIS A 225 -12.35 17.04 2.78
CA HIS A 225 -11.21 17.85 3.20
C HIS A 225 -11.48 19.32 2.96
N PRO A 226 -12.38 19.98 3.72
CA PRO A 226 -12.72 21.37 3.48
C PRO A 226 -11.49 22.30 3.65
N GLU A 227 -10.57 21.93 4.54
CA GLU A 227 -9.47 22.81 5.01
C GLU A 227 -8.41 22.98 3.88
N SER A 228 -8.25 21.96 3.02
CA SER A 228 -7.00 21.68 2.26
C SER A 228 -7.33 21.60 0.79
N SER A 229 -6.88 22.62 0.06
CA SER A 229 -6.91 22.71 -1.40
C SER A 229 -5.56 22.28 -1.99
N GLN A 230 -5.59 21.87 -3.26
CA GLN A 230 -4.46 21.23 -3.99
C GLN A 230 -4.03 19.97 -3.24
N LEU A 231 -4.93 19.40 -2.44
CA LEU A 231 -4.77 18.04 -1.88
C LEU A 231 -4.82 17.00 -3.01
N PHE A 232 -5.88 17.05 -3.81
CA PHE A 232 -6.06 16.23 -5.03
C PHE A 232 -4.75 16.26 -5.84
N ALA A 233 -4.30 17.47 -6.15
CA ALA A 233 -2.97 17.73 -6.79
C ALA A 233 -1.88 16.99 -6.02
N LYS A 234 -1.75 17.37 -4.76
CA LYS A 234 -0.66 16.95 -3.84
C LYS A 234 -0.67 15.40 -3.74
N LEU A 235 -1.86 14.78 -3.84
CA LEU A 235 -2.05 13.33 -3.79
C LEU A 235 -1.50 12.69 -5.06
N LEU A 236 -1.88 13.22 -6.22
CA LEU A 236 -1.51 12.60 -7.51
C LEU A 236 0.02 12.60 -7.67
N GLN A 237 0.68 13.62 -7.09
CA GLN A 237 2.15 13.78 -7.04
C GLN A 237 2.74 12.61 -6.28
N LYS A 238 2.02 12.05 -5.30
CA LYS A 238 2.55 10.89 -4.53
C LYS A 238 2.70 9.68 -5.46
N MET A 239 1.84 9.56 -6.47
CA MET A 239 1.90 8.46 -7.44
C MET A 239 3.34 8.33 -7.95
N THR A 240 4.04 9.45 -8.02
CA THR A 240 5.41 9.58 -8.58
C THR A 240 6.42 9.08 -7.54
N ASP A 241 6.46 9.72 -6.37
CA ASP A 241 7.15 9.22 -5.13
C ASP A 241 7.06 7.70 -5.04
N LEU A 242 5.87 7.13 -5.24
CA LEU A 242 5.67 5.68 -5.21
C LEU A 242 6.56 4.98 -6.25
N ARG A 243 6.23 5.15 -7.53
CA ARG A 243 6.92 4.50 -8.66
C ARG A 243 8.41 4.50 -8.38
N GLN A 244 8.92 5.62 -7.82
CA GLN A 244 10.35 5.78 -7.43
C GLN A 244 10.70 4.76 -6.35
N ILE A 245 10.12 4.89 -5.18
CA ILE A 245 10.23 3.91 -4.04
C ILE A 245 10.29 2.47 -4.57
N VAL A 246 9.37 2.11 -5.45
CA VAL A 246 9.19 0.73 -5.94
C VAL A 246 10.46 0.34 -6.74
N THR A 247 10.87 1.20 -7.68
CA THR A 247 12.11 1.06 -8.49
C THR A 247 13.25 0.77 -7.53
N GLU A 248 13.52 1.71 -6.64
CA GLU A 248 14.67 1.69 -5.69
C GLU A 248 14.60 0.40 -4.87
N HIS A 249 13.39 -0.04 -4.54
CA HIS A 249 13.19 -1.30 -3.77
C HIS A 249 13.71 -2.48 -4.60
N VAL A 250 13.35 -2.51 -5.90
CA VAL A 250 13.75 -3.61 -6.83
C VAL A 250 15.28 -3.66 -6.94
N GLN A 251 15.88 -2.50 -7.14
CA GLN A 251 17.32 -2.30 -7.29
C GLN A 251 18.07 -2.81 -6.08
N LEU A 252 17.57 -2.53 -4.88
CA LEU A 252 18.03 -3.17 -3.62
C LEU A 252 17.84 -4.69 -3.66
N LEU A 253 16.67 -5.18 -4.06
CA LEU A 253 16.37 -6.64 -4.11
C LEU A 253 17.36 -7.31 -5.06
N GLN A 254 17.72 -6.64 -6.16
CA GLN A 254 18.76 -7.10 -7.11
C GLN A 254 20.08 -7.28 -6.35
N VAL A 255 20.50 -6.25 -5.59
CA VAL A 255 21.76 -6.23 -4.77
C VAL A 255 21.72 -7.38 -3.74
N ILE A 256 20.66 -7.44 -2.92
CA ILE A 256 20.47 -8.46 -1.84
C ILE A 256 20.55 -9.87 -2.46
N LYS A 257 19.78 -10.12 -3.52
CA LYS A 257 19.70 -11.41 -4.26
C LYS A 257 21.12 -11.81 -4.70
N LYS A 258 22.00 -10.83 -4.94
CA LYS A 258 23.38 -10.99 -5.47
C LYS A 258 24.38 -11.07 -4.32
N THR A 259 24.13 -10.36 -3.21
CA THR A 259 24.93 -10.41 -1.94
C THR A 259 24.72 -11.76 -1.26
N GLU A 260 23.46 -12.09 -0.94
CA GLU A 260 23.06 -13.25 -0.11
C GLU A 260 22.43 -14.34 -1.00
N THR A 261 23.17 -14.80 -2.02
CA THR A 261 22.77 -15.90 -2.95
C THR A 261 22.80 -17.24 -2.20
N ASP A 262 22.08 -17.33 -1.07
CA ASP A 262 22.08 -18.48 -0.14
C ASP A 262 20.66 -18.66 0.44
N MET A 263 20.03 -17.56 0.88
CA MET A 263 18.59 -17.48 1.25
C MET A 263 17.74 -17.77 0.00
N SER A 264 16.41 -17.76 0.15
CA SER A 264 15.42 -18.02 -0.94
C SER A 264 14.43 -16.85 -1.03
N LEU A 265 14.16 -16.38 -2.25
CA LEU A 265 13.17 -15.30 -2.57
C LEU A 265 11.89 -15.89 -3.18
N HIS A 266 10.75 -15.69 -2.50
CA HIS A 266 9.45 -16.27 -2.87
C HIS A 266 9.25 -16.14 -4.36
N PRO A 267 8.87 -17.22 -5.05
CA PRO A 267 8.81 -17.26 -6.52
C PRO A 267 7.80 -16.30 -7.18
N LEU A 268 6.72 -15.98 -6.49
CA LEU A 268 5.64 -15.11 -7.05
C LEU A 268 6.12 -13.66 -7.17
N LEU A 269 6.85 -13.20 -6.15
CA LEU A 269 7.55 -11.90 -6.13
C LEU A 269 8.59 -11.83 -7.24
N GLN A 270 9.27 -12.94 -7.50
CA GLN A 270 10.35 -13.08 -8.49
C GLN A 270 9.77 -13.01 -9.91
N GLU A 271 8.50 -13.37 -10.10
CA GLU A 271 7.76 -13.20 -11.40
C GLU A 271 7.48 -11.73 -11.64
N ILE A 272 7.01 -11.04 -10.60
CA ILE A 272 6.67 -9.60 -10.66
C ILE A 272 7.95 -8.77 -10.86
N TYR A 273 8.94 -8.96 -10.00
CA TYR A 273 10.15 -8.10 -9.88
C TYR A 273 10.93 -8.06 -11.20
N LYS A 274 10.99 -9.18 -11.92
CA LYS A 274 11.91 -9.37 -13.07
C LYS A 274 11.49 -8.49 -14.26
N ASP A 275 10.26 -8.00 -14.27
CA ASP A 275 9.74 -7.10 -15.34
C ASP A 275 9.30 -5.76 -14.76
C1 T4A B . 7.81 -5.30 3.67
C2 T4A B . 8.11 -4.88 4.96
C3 T4A B . 7.11 -4.66 5.89
C4 T4A B . 5.76 -4.88 5.55
C5 T4A B . 5.47 -5.34 4.25
C6 T4A B . 6.48 -5.53 3.33
C7 T4A B . 8.91 -5.53 2.66
C8 T4A B . 9.20 -4.30 1.84
C1' T4A B . 4.17 -5.56 7.21
C6' T4A B . 4.96 -6.63 7.63
C5' T4A B . 4.40 -7.61 8.40
C4' T4A B . 3.05 -7.59 8.78
C3' T4A B . 2.28 -6.49 8.35
C2' T4A B . 2.84 -5.48 7.57
I3 T4A B . 7.64 -4.06 7.83
I5 T4A B . 3.50 -5.80 3.70
I5' T4A B . 5.64 -9.16 9.11
I3' T4A B . 0.25 -6.38 8.88
O8 T4A B . 8.63 -4.04 0.80
O9 T4A B . 10.12 -3.55 2.37
O4 T4A B . 4.74 -4.56 6.44
O4' T4A B . 2.49 -8.62 9.48
#